data_5IXA
#
_entry.id   5IXA
#
_cell.length_a   75.026
_cell.length_b   100.829
_cell.length_c   109.639
_cell.angle_alpha   90.00
_cell.angle_beta   90.00
_cell.angle_gamma   90.00
#
_symmetry.space_group_name_H-M   'P 21 21 21'
#
loop_
_entity.id
_entity.type
_entity.pdbx_description
1 polymer 'DNA polymerase processivity factor'
2 water water
#
_entity_poly.entity_id   1
_entity_poly.type   'polypeptide(L)'
_entity_poly.pdbx_seq_one_letter_code
;MDRKTRLSEPPTLALRLKPYKTAIQQLRSVIRALKENTTVTFLPTPSLILQTVRSHCVSKITFNSSCLYITDKSFQPKTI
NNSTPLLGNFMYLTSSKDLTKFYVQDISDLSAKISMCAPDFNMEFSSACVHGQDIVRESENSAVHVDLDFGVVADLLKWI
GPHTRVKRNVKKAPCPTGTVQILVHAGPPAIKFILTNGSELEFTSNNRVSFHGVKNMRINVQLKNFYQTLLNCAVTKLPC
TLRIVTEHDTLLYVASRNGLFAVENFLTEEPFQRGDPFDKNYVGNSGKSR
;
_entity_poly.pdbx_strand_id   A,B
#
# COMPACT_ATOMS: atom_id res chain seq x y z
N SER A 8 -20.61 -23.14 -18.06
CA SER A 8 -19.19 -22.91 -18.33
C SER A 8 -18.63 -21.89 -17.33
N GLU A 9 -18.92 -20.65 -17.55
CA GLU A 9 -18.34 -19.71 -16.60
C GLU A 9 -19.19 -19.60 -15.35
N PRO A 10 -18.59 -19.27 -14.21
CA PRO A 10 -19.34 -19.19 -12.95
C PRO A 10 -20.11 -17.89 -12.86
N PRO A 11 -21.04 -17.79 -11.91
CA PRO A 11 -21.73 -16.51 -11.70
C PRO A 11 -20.73 -15.40 -11.39
N THR A 12 -20.91 -14.27 -12.05
CA THR A 12 -19.94 -13.19 -11.99
C THR A 12 -20.66 -11.88 -11.70
N LEU A 13 -20.08 -11.08 -10.82
CA LEU A 13 -20.61 -9.76 -10.51
C LEU A 13 -19.54 -8.74 -10.89
N ALA A 14 -19.78 -8.00 -11.96
CA ALA A 14 -18.79 -7.07 -12.47
C ALA A 14 -19.15 -5.66 -12.06
N LEU A 15 -18.14 -4.84 -11.90
CA LEU A 15 -18.39 -3.45 -11.62
C LEU A 15 -18.27 -2.70 -12.91
N ARG A 16 -19.16 -1.72 -13.11
CA ARG A 16 -19.08 -0.84 -14.25
C ARG A 16 -18.22 0.34 -13.86
N LEU A 17 -17.09 0.47 -14.54
CA LEU A 17 -16.00 1.28 -13.99
C LEU A 17 -16.23 2.79 -14.13
N LYS A 18 -16.89 3.27 -15.18
CA LYS A 18 -17.09 4.71 -15.24
C LYS A 18 -17.91 5.18 -14.04
N PRO A 19 -19.07 4.60 -13.73
CA PRO A 19 -19.72 5.01 -12.47
C PRO A 19 -18.96 4.52 -11.24
N TYR A 20 -18.39 3.31 -11.25
CA TYR A 20 -17.76 2.84 -10.02
C TYR A 20 -16.54 3.66 -9.68
N LYS A 21 -15.72 4.04 -10.68
CA LYS A 21 -14.54 4.83 -10.36
C LYS A 21 -14.86 6.23 -9.92
N THR A 22 -16.00 6.80 -10.34
CA THR A 22 -16.32 8.11 -9.82
C THR A 22 -16.83 8.02 -8.39
N ALA A 23 -17.47 6.90 -8.03
CA ALA A 23 -17.99 6.75 -6.68
C ALA A 23 -16.88 6.61 -5.64
N ILE A 24 -15.86 5.78 -5.90
CA ILE A 24 -14.82 5.63 -4.89
C ILE A 24 -13.93 6.85 -4.81
N GLN A 25 -13.79 7.61 -5.90
CA GLN A 25 -13.07 8.88 -5.75
C GLN A 25 -13.84 9.81 -4.81
N GLN A 26 -15.17 9.89 -4.95
CA GLN A 26 -15.98 10.61 -3.97
C GLN A 26 -15.87 10.01 -2.58
N LEU A 27 -15.63 8.71 -2.47
CA LEU A 27 -15.53 8.08 -1.17
C LEU A 27 -14.08 7.98 -0.66
N ARG A 28 -13.14 8.76 -1.23
CA ARG A 28 -11.74 8.60 -0.88
C ARG A 28 -11.50 8.78 0.60
N SER A 29 -12.20 9.73 1.21
CA SER A 29 -12.07 10.03 2.62
C SER A 29 -12.53 8.88 3.50
N VAL A 30 -13.64 8.24 3.13
CA VAL A 30 -14.16 7.16 3.96
C VAL A 30 -13.39 5.87 3.71
N ILE A 31 -13.00 5.63 2.46
CA ILE A 31 -12.33 4.39 2.08
C ILE A 31 -11.01 4.30 2.82
N ARG A 32 -10.40 5.44 3.13
CA ARG A 32 -9.11 5.46 3.80
C ARG A 32 -9.22 5.24 5.30
N ALA A 33 -10.35 5.57 5.90
CA ALA A 33 -10.47 5.50 7.34
C ALA A 33 -11.25 4.29 7.82
N LEU A 34 -11.54 3.33 6.94
CA LEU A 34 -12.11 2.06 7.36
C LEU A 34 -11.18 1.36 8.35
N LYS A 35 -11.73 0.61 9.31
CA LYS A 35 -10.77 -0.21 10.05
C LYS A 35 -11.06 -1.70 9.88
N GLU A 36 -10.51 -2.53 10.76
CA GLU A 36 -10.46 -3.96 10.49
C GLU A 36 -11.77 -4.63 10.82
N ASN A 37 -12.78 -3.83 11.07
CA ASN A 37 -14.09 -4.31 11.43
C ASN A 37 -15.04 -4.15 10.25
N THR A 38 -14.47 -4.01 9.05
CA THR A 38 -15.24 -3.57 7.91
C THR A 38 -15.34 -4.72 6.93
N THR A 39 -16.57 -5.03 6.54
CA THR A 39 -16.90 -6.12 5.67
C THR A 39 -17.31 -5.54 4.33
N VAL A 40 -17.12 -6.33 3.29
CA VAL A 40 -17.58 -6.02 1.95
C VAL A 40 -18.48 -7.17 1.56
N THR A 41 -19.73 -6.87 1.19
CA THR A 41 -20.72 -7.88 0.84
C THR A 41 -21.09 -7.70 -0.62
N PHE A 42 -21.08 -8.79 -1.37
CA PHE A 42 -21.51 -8.83 -2.77
C PHE A 42 -22.80 -9.61 -2.87
N LEU A 43 -23.84 -8.98 -3.44
CA LEU A 43 -25.12 -9.69 -3.60
C LEU A 43 -25.53 -9.76 -5.05
N PRO A 44 -26.44 -10.68 -5.39
CA PRO A 44 -26.84 -10.80 -6.80
C PRO A 44 -28.00 -9.90 -7.20
N THR A 45 -28.21 -8.82 -6.45
CA THR A 45 -29.34 -7.93 -6.70
C THR A 45 -29.30 -7.22 -8.06
N PRO A 46 -28.15 -6.66 -8.47
CA PRO A 46 -26.81 -6.61 -7.87
C PRO A 46 -26.65 -5.50 -6.85
N SER A 47 -25.85 -5.75 -5.83
CA SER A 47 -25.52 -4.71 -4.86
C SER A 47 -24.12 -4.99 -4.31
N LEU A 48 -23.44 -3.89 -3.92
CA LEU A 48 -22.20 -3.95 -3.16
C LEU A 48 -22.36 -3.09 -1.90
N ILE A 49 -22.09 -3.69 -0.73
CA ILE A 49 -22.35 -3.06 0.56
C ILE A 49 -21.07 -3.09 1.38
N LEU A 50 -20.65 -1.93 1.90
CA LEU A 50 -19.56 -1.83 2.86
C LEU A 50 -20.18 -1.58 4.22
N GLN A 51 -19.88 -2.44 5.19
CA GLN A 51 -20.42 -2.26 6.53
C GLN A 51 -19.32 -2.17 7.59
N THR A 52 -19.48 -1.22 8.51
CA THR A 52 -18.61 -1.10 9.67
C THR A 52 -19.50 -1.13 10.90
N VAL A 53 -19.36 -2.15 11.73
CA VAL A 53 -20.19 -2.28 12.91
C VAL A 53 -19.35 -1.80 14.09
N ARG A 54 -19.97 -1.08 15.03
CA ARG A 54 -19.16 -0.74 16.19
C ARG A 54 -20.08 -0.84 17.41
N SER A 55 -19.78 -0.10 18.48
CA SER A 55 -20.39 -0.32 19.78
C SER A 55 -21.88 -0.07 19.67
N HIS A 56 -22.25 1.19 19.52
CA HIS A 56 -23.64 1.54 19.31
C HIS A 56 -23.86 2.20 17.96
N CYS A 57 -22.89 2.12 17.05
CA CYS A 57 -23.05 2.73 15.74
C CYS A 57 -22.78 1.72 14.64
N VAL A 58 -23.55 1.78 13.56
CA VAL A 58 -23.37 0.97 12.37
C VAL A 58 -23.44 1.88 11.16
N SER A 59 -22.37 1.99 10.39
CA SER A 59 -22.42 2.73 9.12
C SER A 59 -22.32 1.76 7.94
N LYS A 60 -23.04 2.10 6.87
CA LYS A 60 -23.16 1.22 5.71
C LYS A 60 -23.15 2.06 4.44
N ILE A 61 -22.32 1.67 3.47
CA ILE A 61 -22.33 2.32 2.15
C ILE A 61 -22.80 1.31 1.11
N THR A 62 -23.84 1.66 0.35
CA THR A 62 -24.42 0.80 -0.67
C THR A 62 -24.25 1.44 -2.03
N PHE A 63 -23.56 0.76 -2.93
CA PHE A 63 -23.41 1.28 -4.28
C PHE A 63 -24.71 1.06 -5.03
N ASN A 64 -25.14 2.09 -5.76
CA ASN A 64 -26.25 1.98 -6.70
C ASN A 64 -26.06 0.81 -7.66
N SER A 65 -27.17 0.13 -7.99
CA SER A 65 -27.13 -0.87 -9.05
C SER A 65 -26.61 -0.31 -10.37
N SER A 66 -26.72 1.00 -10.55
CA SER A 66 -26.04 1.72 -11.63
C SER A 66 -24.58 1.32 -11.78
N CYS A 67 -23.90 0.99 -10.68
CA CYS A 67 -22.47 0.71 -10.69
C CYS A 67 -22.15 -0.76 -10.94
N LEU A 68 -23.16 -1.61 -10.86
CA LEU A 68 -22.99 -3.05 -10.86
C LEU A 68 -23.71 -3.70 -12.02
N TYR A 69 -23.16 -4.82 -12.43
CA TYR A 69 -23.68 -5.64 -13.50
C TYR A 69 -23.56 -7.10 -13.07
N ILE A 70 -24.63 -7.89 -13.15
CA ILE A 70 -24.52 -9.28 -12.74
C ILE A 70 -24.84 -10.22 -13.89
N THR A 71 -23.99 -11.22 -14.03
CA THR A 71 -24.06 -12.25 -15.07
C THR A 71 -25.27 -13.15 -14.91
N ASP A 72 -25.42 -13.74 -13.72
CA ASP A 72 -26.25 -14.88 -13.46
C ASP A 72 -26.77 -14.77 -12.03
N LYS A 73 -28.09 -14.63 -11.87
CA LYS A 73 -28.62 -14.33 -10.54
C LYS A 73 -28.47 -15.52 -9.56
N SER A 74 -27.85 -16.64 -9.94
CA SER A 74 -27.61 -17.68 -8.95
C SER A 74 -26.30 -17.47 -8.20
N PHE A 75 -25.64 -16.34 -8.44
CA PHE A 75 -24.50 -15.87 -7.66
C PHE A 75 -24.82 -15.84 -6.17
N GLN A 76 -24.05 -16.56 -5.36
CA GLN A 76 -24.40 -16.57 -3.95
C GLN A 76 -23.77 -15.41 -3.17
N PRO A 77 -24.48 -14.91 -2.13
CA PRO A 77 -23.98 -13.76 -1.38
C PRO A 77 -22.64 -14.05 -0.72
N LYS A 78 -21.71 -13.13 -0.90
CA LYS A 78 -20.37 -13.25 -0.35
C LYS A 78 -20.13 -12.08 0.58
N THR A 79 -19.61 -12.36 1.77
CA THR A 79 -19.11 -11.29 2.63
C THR A 79 -17.69 -11.64 3.04
N ILE A 80 -16.76 -10.75 2.71
CA ILE A 80 -15.36 -10.91 3.05
C ILE A 80 -14.97 -9.71 3.93
N ASN A 81 -13.81 -9.81 4.57
CA ASN A 81 -13.23 -8.67 5.25
C ASN A 81 -12.57 -7.72 4.26
N ASN A 82 -12.65 -6.42 4.57
CA ASN A 82 -11.93 -5.42 3.80
C ASN A 82 -10.44 -5.43 4.09
N SER A 83 -10.05 -5.72 5.34
CA SER A 83 -8.64 -5.82 5.69
C SER A 83 -8.25 -7.27 5.40
N THR A 84 -7.61 -7.47 4.30
CA THR A 84 -7.15 -8.59 3.49
C THR A 84 -5.69 -8.95 3.82
N PRO A 85 -5.40 -10.24 3.95
CA PRO A 85 -4.14 -10.66 4.56
C PRO A 85 -2.84 -10.20 3.91
N LEU A 86 -2.77 -9.87 2.63
CA LEU A 86 -1.49 -9.29 2.16
C LEU A 86 -1.64 -7.94 1.53
N LEU A 87 -2.80 -7.67 0.92
CA LEU A 87 -3.05 -6.42 0.24
C LEU A 87 -3.52 -5.34 1.18
N GLY A 88 -3.99 -5.69 2.38
CA GLY A 88 -4.49 -4.67 3.28
C GLY A 88 -5.91 -4.18 2.99
N ASN A 89 -6.05 -2.87 2.73
CA ASN A 89 -7.33 -2.20 2.49
C ASN A 89 -7.87 -2.52 1.09
N PHE A 90 -8.80 -3.47 1.01
CA PHE A 90 -9.34 -3.91 -0.28
C PHE A 90 -10.00 -2.76 -1.04
N MET A 91 -10.97 -2.08 -0.41
CA MET A 91 -11.65 -1.00 -1.10
C MET A 91 -10.67 0.08 -1.55
N TYR A 92 -9.74 0.46 -0.67
CA TYR A 92 -8.77 1.47 -1.09
C TYR A 92 -8.00 1.05 -2.31
N LEU A 93 -7.77 -0.25 -2.45
CA LEU A 93 -7.02 -0.69 -3.59
C LEU A 93 -7.87 -0.67 -4.88
N THR A 94 -9.21 -0.64 -4.77
CA THR A 94 -10.02 -0.49 -5.97
C THR A 94 -10.08 0.96 -6.43
N SER A 95 -9.54 1.90 -5.64
CA SER A 95 -9.56 3.30 -6.03
C SER A 95 -8.37 3.68 -6.90
N SER A 96 -7.50 2.73 -7.20
CA SER A 96 -6.45 2.98 -8.17
C SER A 96 -7.05 3.51 -9.46
N LYS A 97 -6.40 4.49 -10.05
CA LYS A 97 -6.88 5.09 -11.26
C LYS A 97 -6.48 4.31 -12.48
N ASP A 98 -5.60 3.32 -12.33
CA ASP A 98 -5.22 2.39 -13.37
C ASP A 98 -6.24 1.28 -13.59
N LEU A 99 -7.27 1.21 -12.75
CA LEU A 99 -8.16 0.05 -12.75
C LEU A 99 -8.90 0.01 -14.06
N THR A 100 -8.85 -1.14 -14.75
CA THR A 100 -9.50 -1.29 -16.03
C THR A 100 -10.55 -2.38 -16.03
N LYS A 101 -10.56 -3.24 -15.02
CA LYS A 101 -11.55 -4.32 -14.97
C LYS A 101 -11.64 -4.78 -13.51
N PHE A 102 -12.87 -4.99 -13.02
CA PHE A 102 -13.09 -5.38 -11.62
C PHE A 102 -14.36 -6.24 -11.51
N TYR A 103 -14.19 -7.53 -11.18
CA TYR A 103 -15.33 -8.43 -11.00
C TYR A 103 -15.05 -9.50 -9.95
N VAL A 104 -16.14 -10.03 -9.38
CA VAL A 104 -16.14 -11.07 -8.35
C VAL A 104 -16.86 -12.29 -8.93
N GLN A 105 -16.29 -13.46 -8.71
CA GLN A 105 -16.89 -14.72 -9.15
C GLN A 105 -17.22 -15.61 -7.96
N ASP A 106 -18.24 -16.44 -8.14
CA ASP A 106 -18.71 -17.38 -7.12
C ASP A 106 -18.28 -18.78 -7.57
N ILE A 107 -17.08 -19.19 -7.12
CA ILE A 107 -16.51 -20.49 -7.50
C ILE A 107 -16.87 -21.54 -6.46
N SER A 108 -16.50 -21.25 -5.22
CA SER A 108 -16.68 -22.05 -4.03
C SER A 108 -17.79 -21.48 -3.14
N ASP A 109 -18.36 -22.35 -2.31
CA ASP A 109 -19.20 -21.88 -1.22
C ASP A 109 -18.42 -21.24 -0.08
N LEU A 110 -17.10 -21.37 -0.05
CA LEU A 110 -16.29 -20.90 1.07
C LEU A 110 -15.59 -19.57 0.82
N SER A 111 -15.56 -19.08 -0.42
CA SER A 111 -14.70 -17.95 -0.71
C SER A 111 -15.22 -17.23 -1.94
N ALA A 112 -14.85 -15.95 -2.03
CA ALA A 112 -15.05 -15.13 -3.22
C ALA A 112 -13.73 -14.96 -3.97
N LYS A 113 -13.78 -15.11 -5.30
CA LYS A 113 -12.64 -14.87 -6.17
C LYS A 113 -12.78 -13.47 -6.80
N ILE A 114 -11.86 -12.57 -6.50
CA ILE A 114 -11.89 -11.20 -7.01
C ILE A 114 -10.82 -11.06 -8.11
N SER A 115 -11.21 -10.51 -9.26
CA SER A 115 -10.27 -10.24 -10.33
C SER A 115 -10.22 -8.74 -10.62
N MET A 116 -9.00 -8.22 -10.80
CA MET A 116 -8.75 -6.82 -11.12
C MET A 116 -7.68 -6.70 -12.21
N CYS A 117 -7.90 -5.79 -13.16
CA CYS A 117 -6.96 -5.55 -14.24
C CYS A 117 -6.52 -4.09 -14.25
N ALA A 118 -5.35 -3.89 -14.85
CA ALA A 118 -4.75 -2.61 -15.20
C ALA A 118 -3.96 -2.83 -16.48
N PRO A 119 -3.36 -1.78 -17.09
CA PRO A 119 -2.79 -1.93 -18.44
C PRO A 119 -1.92 -3.15 -18.71
N ASP A 120 -0.77 -3.35 -18.08
CA ASP A 120 -0.04 -4.59 -18.28
C ASP A 120 -0.08 -5.48 -17.03
N PHE A 121 -1.24 -5.55 -16.40
CA PHE A 121 -1.34 -6.21 -15.13
C PHE A 121 -2.72 -6.84 -14.98
N ASN A 122 -2.75 -8.03 -14.40
CA ASN A 122 -3.98 -8.70 -14.00
C ASN A 122 -3.67 -9.45 -12.72
N MET A 123 -4.46 -9.24 -11.68
CA MET A 123 -4.38 -10.01 -10.45
C MET A 123 -5.70 -10.72 -10.17
N GLU A 124 -5.59 -11.80 -9.40
CA GLU A 124 -6.70 -12.60 -8.93
C GLU A 124 -6.44 -12.99 -7.49
N PHE A 125 -7.43 -12.83 -6.61
CA PHE A 125 -7.27 -13.35 -5.26
C PHE A 125 -8.56 -13.97 -4.75
N SER A 126 -8.43 -14.70 -3.65
CA SER A 126 -9.56 -15.38 -3.01
C SER A 126 -9.46 -15.17 -1.52
N SER A 127 -10.50 -14.52 -0.99
CA SER A 127 -10.66 -14.25 0.42
C SER A 127 -11.72 -15.16 1.02
N ALA A 128 -11.48 -15.56 2.25
CA ALA A 128 -12.42 -16.39 2.98
C ALA A 128 -13.74 -15.65 3.23
N CYS A 129 -14.84 -16.35 3.01
CA CYS A 129 -16.15 -15.78 3.26
C CYS A 129 -16.40 -15.75 4.75
N VAL A 130 -16.90 -14.62 5.23
CA VAL A 130 -17.40 -14.54 6.59
C VAL A 130 -18.86 -14.96 6.58
N HIS A 131 -19.19 -16.00 7.35
CA HIS A 131 -20.54 -16.55 7.48
C HIS A 131 -20.94 -16.25 8.91
N GLY A 132 -21.75 -15.20 9.08
CA GLY A 132 -22.14 -14.89 10.43
C GLY A 132 -22.06 -13.40 10.63
N GLN A 133 -22.42 -12.66 9.60
CA GLN A 133 -22.45 -11.22 9.66
C GLN A 133 -23.77 -10.79 9.03
N ASP A 134 -24.43 -9.81 9.66
CA ASP A 134 -25.69 -9.30 9.17
C ASP A 134 -25.45 -7.87 8.74
N ILE A 135 -26.36 -7.36 7.92
CA ILE A 135 -26.31 -5.98 7.45
C ILE A 135 -27.54 -5.25 7.97
N VAL A 136 -27.31 -4.20 8.77
CA VAL A 136 -28.39 -3.45 9.38
C VAL A 136 -29.23 -2.80 8.29
N ARG A 137 -30.56 -2.89 8.44
CA ARG A 137 -31.48 -2.32 7.48
C ARG A 137 -32.26 -1.16 8.09
N GLU A 138 -32.61 -0.21 7.23
CA GLU A 138 -33.53 0.86 7.60
C GLU A 138 -34.91 0.27 7.84
N SER A 139 -35.36 0.26 9.09
CA SER A 139 -36.78 0.08 9.32
C SER A 139 -37.46 1.30 8.71
N GLU A 140 -38.46 1.06 7.85
CA GLU A 140 -39.11 2.18 7.20
C GLU A 140 -40.22 2.79 8.07
N ASN A 141 -40.52 2.20 9.21
CA ASN A 141 -41.22 2.95 10.24
C ASN A 141 -40.22 3.93 10.86
N SER A 142 -40.60 5.21 10.96
CA SER A 142 -39.85 6.20 11.72
C SER A 142 -40.79 7.15 12.43
N ALA A 143 -40.53 7.40 13.71
CA ALA A 143 -41.34 8.33 14.48
C ALA A 143 -41.06 9.79 14.11
N VAL A 144 -39.79 10.19 14.10
CA VAL A 144 -39.40 11.56 13.73
C VAL A 144 -38.50 11.49 12.50
N HIS A 145 -38.87 12.24 11.47
CA HIS A 145 -38.16 12.25 10.19
C HIS A 145 -37.88 13.68 9.74
N VAL A 146 -36.61 14.03 9.59
CA VAL A 146 -36.18 15.42 9.41
C VAL A 146 -35.13 15.50 8.29
N ASP A 147 -35.43 16.24 7.23
CA ASP A 147 -34.45 16.49 6.16
C ASP A 147 -33.64 17.77 6.39
N LEU A 148 -32.33 17.68 6.17
CA LEU A 148 -31.42 18.79 6.45
C LEU A 148 -30.66 19.22 5.20
N ASP A 149 -30.63 20.52 4.99
CA ASP A 149 -29.83 21.12 3.93
C ASP A 149 -28.37 20.72 4.08
N PHE A 150 -27.69 20.53 2.95
CA PHE A 150 -26.26 20.25 3.06
C PHE A 150 -25.50 21.40 3.71
N GLY A 151 -25.94 22.64 3.49
CA GLY A 151 -25.41 23.75 4.25
C GLY A 151 -25.55 23.54 5.74
N VAL A 152 -26.70 23.02 6.18
CA VAL A 152 -26.90 22.76 7.61
C VAL A 152 -25.92 21.70 8.10
N VAL A 153 -25.66 20.68 7.27
CA VAL A 153 -24.74 19.63 7.73
C VAL A 153 -23.32 20.18 7.87
N ALA A 154 -22.93 21.10 7.00
CA ALA A 154 -21.64 21.74 7.17
C ALA A 154 -21.58 22.56 8.45
N ASP A 155 -22.71 23.18 8.84
CA ASP A 155 -22.74 23.95 10.09
C ASP A 155 -22.56 23.06 11.30
N LEU A 156 -23.22 21.90 11.32
CA LEU A 156 -23.08 20.98 12.46
C LEU A 156 -21.65 20.46 12.55
N LEU A 157 -21.08 20.08 11.40
CA LEU A 157 -19.67 19.70 11.36
C LEU A 157 -18.78 20.77 11.98
N LYS A 158 -18.85 22.00 11.46
CA LYS A 158 -17.98 23.07 11.95
C LYS A 158 -18.23 23.42 13.42
N TRP A 159 -19.33 22.94 14.01
CA TRP A 159 -19.66 23.26 15.38
C TRP A 159 -19.22 22.20 16.36
N ILE A 160 -18.94 20.99 15.87
CA ILE A 160 -18.45 19.86 16.64
C ILE A 160 -16.99 19.58 16.33
N GLY A 161 -16.41 20.33 15.39
CA GLY A 161 -15.05 20.16 14.92
C GLY A 161 -13.88 20.38 15.87
N PRO A 162 -14.11 20.74 17.12
CA PRO A 162 -13.11 20.49 18.16
C PRO A 162 -13.63 19.54 19.24
N HIS A 163 -13.55 18.21 19.03
CA HIS A 163 -13.87 17.23 20.06
C HIS A 163 -12.63 16.73 20.82
N THR A 177 -14.27 14.31 24.79
CA THR A 177 -15.09 14.66 23.63
C THR A 177 -16.55 14.87 24.10
N GLY A 178 -17.25 13.82 24.60
CA GLY A 178 -18.54 14.11 25.21
C GLY A 178 -19.70 13.31 24.61
N THR A 179 -20.90 13.85 24.82
CA THR A 179 -22.16 13.29 24.34
C THR A 179 -23.02 14.41 23.71
N VAL A 180 -23.87 14.04 22.74
CA VAL A 180 -24.79 14.99 22.12
C VAL A 180 -26.22 14.49 22.30
N GLN A 181 -27.11 15.40 22.65
CA GLN A 181 -28.52 15.08 22.73
C GLN A 181 -29.26 15.80 21.60
N ILE A 182 -30.12 15.06 20.91
CA ILE A 182 -30.86 15.55 19.76
C ILE A 182 -32.32 15.62 20.19
N LEU A 183 -32.87 16.81 20.31
CA LEU A 183 -34.30 16.94 20.59
C LEU A 183 -35.01 17.44 19.35
N VAL A 184 -36.24 16.95 19.18
CA VAL A 184 -37.11 17.30 18.06
C VAL A 184 -38.48 17.70 18.61
N HIS A 185 -38.99 18.88 18.22
CA HIS A 185 -40.18 19.51 18.76
C HIS A 185 -41.33 19.53 17.74
N ALA A 186 -42.57 19.58 18.24
CA ALA A 186 -43.75 19.44 17.37
C ALA A 186 -44.28 20.78 16.86
N GLY A 187 -44.81 21.60 17.76
CA GLY A 187 -45.50 22.81 17.35
C GLY A 187 -44.89 24.04 18.00
N PRO A 188 -44.13 24.82 17.21
CA PRO A 188 -43.82 24.56 15.78
C PRO A 188 -42.71 23.54 15.53
N PRO A 189 -42.48 23.05 14.31
CA PRO A 189 -41.32 22.15 14.13
C PRO A 189 -39.97 22.82 14.41
N ALA A 190 -39.14 22.14 15.21
CA ALA A 190 -37.72 22.50 15.35
C ALA A 190 -36.92 21.27 15.80
N ILE A 191 -35.64 21.24 15.38
CA ILE A 191 -34.67 20.25 15.82
C ILE A 191 -33.56 20.98 16.57
N LYS A 192 -33.21 20.48 17.74
CA LYS A 192 -32.15 21.08 18.53
C LYS A 192 -31.13 20.02 18.93
N PHE A 193 -29.89 20.47 19.06
CA PHE A 193 -28.70 19.63 19.28
C PHE A 193 -28.00 20.22 20.49
N ILE A 194 -28.12 19.59 21.67
CA ILE A 194 -27.46 20.06 22.88
C ILE A 194 -26.24 19.20 23.17
N LEU A 195 -25.17 19.84 23.62
CA LEU A 195 -23.92 19.15 23.92
C LEU A 195 -23.80 18.97 25.43
N THR A 196 -22.88 18.09 25.83
CA THR A 196 -22.66 17.88 27.25
C THR A 196 -22.06 19.12 27.91
N ASN A 197 -21.37 19.98 27.16
CA ASN A 197 -20.88 21.21 27.78
C ASN A 197 -22.04 22.15 28.08
N GLY A 198 -23.00 22.23 27.17
CA GLY A 198 -24.08 23.18 27.34
C GLY A 198 -24.48 23.75 26.01
N SER A 199 -23.48 23.95 25.15
CA SER A 199 -23.69 24.56 23.84
C SER A 199 -24.85 23.89 23.11
N GLU A 200 -25.70 24.73 22.51
CA GLU A 200 -26.90 24.31 21.79
C GLU A 200 -26.90 24.92 20.41
N LEU A 201 -27.20 24.10 19.42
CA LEU A 201 -27.42 24.53 18.04
C LEU A 201 -28.81 24.04 17.63
N GLU A 202 -29.73 24.98 17.40
CA GLU A 202 -31.09 24.63 17.05
C GLU A 202 -31.43 25.16 15.65
N PHE A 203 -32.31 24.46 14.95
CA PHE A 203 -32.84 24.95 13.69
C PHE A 203 -34.34 24.82 13.72
N THR A 204 -34.96 25.87 13.24
CA THR A 204 -36.39 25.95 13.07
C THR A 204 -36.81 25.70 11.63
N SER A 205 -38.08 25.27 11.51
CA SER A 205 -38.70 24.94 10.25
C SER A 205 -38.64 26.10 9.27
N ASN A 206 -37.64 26.10 8.40
CA ASN A 206 -37.61 27.08 7.35
C ASN A 206 -37.36 26.34 6.04
N ASN A 207 -36.59 26.94 5.14
CA ASN A 207 -36.36 26.37 3.84
C ASN A 207 -35.03 25.63 3.77
N ARG A 208 -34.39 25.46 4.92
CA ARG A 208 -33.20 24.64 4.99
C ARG A 208 -33.42 23.35 5.77
N VAL A 209 -34.58 23.15 6.37
CA VAL A 209 -34.90 21.95 7.12
C VAL A 209 -36.36 21.62 6.87
N SER A 210 -36.63 20.39 6.43
CA SER A 210 -37.98 19.89 6.24
C SER A 210 -38.31 18.93 7.38
N PHE A 211 -39.58 18.92 7.80
CA PHE A 211 -40.03 18.12 8.93
C PHE A 211 -41.14 17.22 8.43
N HIS A 212 -40.86 15.92 8.28
CA HIS A 212 -41.84 14.92 7.85
C HIS A 212 -42.58 14.23 9.00
N GLY A 213 -42.79 14.89 10.11
CA GLY A 213 -43.45 14.19 11.17
C GLY A 213 -42.46 14.31 12.28
N VAL A 214 -42.75 15.26 13.14
CA VAL A 214 -41.94 15.57 14.29
C VAL A 214 -42.94 15.78 15.41
N LYS A 215 -43.48 14.69 15.97
CA LYS A 215 -44.00 14.87 17.33
C LYS A 215 -42.78 15.00 18.29
N ASN A 216 -42.93 14.91 19.62
CA ASN A 216 -41.78 15.27 20.45
C ASN A 216 -40.98 14.07 20.92
N MET A 217 -39.80 13.96 20.34
CA MET A 217 -38.88 12.86 20.59
C MET A 217 -37.47 13.39 20.78
N ARG A 218 -36.69 12.60 21.53
CA ARG A 218 -35.36 12.95 21.96
C ARG A 218 -34.52 11.69 21.96
N ILE A 219 -33.26 11.83 21.54
CA ILE A 219 -32.28 10.77 21.63
C ILE A 219 -30.98 11.33 22.19
N ASN A 220 -30.20 10.44 22.81
CA ASN A 220 -28.88 10.74 23.31
C ASN A 220 -27.91 9.76 22.68
N VAL A 221 -26.91 10.26 21.96
CA VAL A 221 -25.90 9.42 21.31
C VAL A 221 -24.51 9.97 21.59
N GLN A 222 -23.53 9.06 21.57
CA GLN A 222 -22.10 9.41 21.64
C GLN A 222 -21.75 10.52 20.65
N LEU A 223 -21.02 11.53 21.13
CA LEU A 223 -20.70 12.63 20.25
C LEU A 223 -19.73 12.23 19.15
N LYS A 224 -18.76 11.34 19.40
CA LYS A 224 -17.96 11.21 18.22
C LYS A 224 -18.63 10.25 17.22
N ASN A 225 -19.49 9.32 17.65
CA ASN A 225 -20.18 8.58 16.60
C ASN A 225 -21.11 9.48 15.80
N PHE A 226 -21.67 10.53 16.41
CA PHE A 226 -22.49 11.46 15.64
C PHE A 226 -21.63 12.29 14.69
N TYR A 227 -20.46 12.77 15.17
CA TYR A 227 -19.56 13.54 14.32
C TYR A 227 -19.08 12.71 13.14
N GLN A 228 -18.71 11.46 13.39
CA GLN A 228 -18.24 10.63 12.29
C GLN A 228 -19.39 10.26 11.36
N THR A 229 -20.60 10.09 11.91
CA THR A 229 -21.78 9.91 11.08
C THR A 229 -21.95 11.08 10.12
N LEU A 230 -21.69 12.30 10.58
CA LEU A 230 -21.83 13.43 9.68
C LEU A 230 -20.72 13.47 8.64
N LEU A 231 -19.50 13.03 8.98
CA LEU A 231 -18.46 13.06 7.97
C LEU A 231 -18.77 12.10 6.85
N ASN A 232 -19.42 10.97 7.17
CA ASN A 232 -19.75 9.98 6.16
C ASN A 232 -20.78 10.50 5.17
N CYS A 233 -21.82 11.17 5.68
CA CYS A 233 -22.88 11.65 4.81
C CYS A 233 -22.44 12.86 4.02
N ALA A 234 -21.54 13.65 4.60
CA ALA A 234 -21.07 14.85 3.94
C ALA A 234 -20.34 14.57 2.64
N VAL A 235 -19.92 13.32 2.41
CA VAL A 235 -19.18 13.05 1.17
C VAL A 235 -20.06 13.20 -0.07
N THR A 236 -21.38 13.18 0.09
CA THR A 236 -22.25 13.33 -1.06
C THR A 236 -22.48 14.78 -1.40
N LYS A 237 -22.22 15.69 -0.43
CA LYS A 237 -22.48 17.11 -0.56
C LYS A 237 -23.91 17.41 -0.99
N LEU A 238 -24.83 16.60 -0.53
CA LEU A 238 -26.28 16.78 -0.75
C LEU A 238 -26.97 16.78 0.59
N PRO A 239 -28.29 17.07 0.59
CA PRO A 239 -29.09 16.91 1.83
C PRO A 239 -28.92 15.56 2.53
N CYS A 240 -29.08 15.58 3.86
CA CYS A 240 -29.20 14.37 4.68
C CYS A 240 -30.58 14.26 5.29
N THR A 241 -31.05 13.03 5.47
CA THR A 241 -32.32 12.76 6.11
C THR A 241 -31.99 12.14 7.47
N LEU A 242 -32.28 12.89 8.52
CA LEU A 242 -32.13 12.39 9.88
C LEU A 242 -33.46 11.90 10.46
N ARG A 243 -33.42 10.75 11.14
CA ARG A 243 -34.64 10.18 11.72
C ARG A 243 -34.38 9.58 13.09
N ILE A 244 -35.48 9.35 13.79
CA ILE A 244 -35.47 8.84 15.15
C ILE A 244 -36.55 7.76 15.17
N VAL A 245 -36.13 6.52 15.31
CA VAL A 245 -37.01 5.37 15.30
C VAL A 245 -37.23 4.89 16.73
N THR A 246 -38.48 4.60 17.06
CA THR A 246 -38.88 4.28 18.42
C THR A 246 -39.30 2.82 18.54
N GLU A 247 -38.66 1.94 17.80
CA GLU A 247 -39.08 0.55 17.83
C GLU A 247 -38.43 -0.17 19.01
N HIS A 248 -37.40 -0.93 18.72
CA HIS A 248 -36.80 -1.77 19.74
C HIS A 248 -36.25 -0.90 20.86
N ASP A 249 -35.45 0.06 20.48
CA ASP A 249 -34.71 0.97 21.34
C ASP A 249 -34.53 2.22 20.50
N THR A 250 -34.44 3.37 21.14
CA THR A 250 -34.52 4.58 20.35
C THR A 250 -33.26 4.67 19.51
N LEU A 251 -33.42 4.48 18.20
CA LEU A 251 -32.32 4.45 17.25
C LEU A 251 -32.28 5.75 16.46
N LEU A 252 -31.09 6.34 16.33
CA LEU A 252 -30.89 7.50 15.46
C LEU A 252 -30.40 7.05 14.09
N TYR A 253 -31.11 7.47 13.04
CA TYR A 253 -30.79 7.13 11.66
C TYR A 253 -30.37 8.38 10.88
N VAL A 254 -29.21 8.32 10.26
CA VAL A 254 -28.67 9.47 9.56
C VAL A 254 -28.14 8.99 8.22
N ALA A 255 -28.67 9.55 7.14
CA ALA A 255 -28.42 9.01 5.81
C ALA A 255 -28.26 10.13 4.78
N SER A 256 -27.41 9.88 3.80
CA SER A 256 -27.37 10.72 2.62
C SER A 256 -26.99 9.83 1.43
N ARG A 257 -27.37 10.25 0.22
CA ARG A 257 -27.13 9.46 -0.98
C ARG A 257 -26.99 10.39 -2.18
N ASN A 258 -26.45 9.83 -3.26
CA ASN A 258 -26.44 10.49 -4.55
C ASN A 258 -26.79 9.42 -5.58
N GLY A 259 -26.48 9.67 -6.83
CA GLY A 259 -26.93 8.69 -7.79
C GLY A 259 -26.06 7.47 -7.91
N LEU A 260 -25.04 7.34 -7.04
CA LEU A 260 -24.02 6.32 -7.21
C LEU A 260 -23.94 5.45 -5.96
N PHE A 261 -24.17 6.05 -4.81
CA PHE A 261 -24.17 5.27 -3.58
C PHE A 261 -25.06 5.95 -2.56
N ALA A 262 -25.24 5.27 -1.43
CA ALA A 262 -26.02 5.75 -0.30
C ALA A 262 -25.27 5.43 0.98
N VAL A 263 -25.08 6.45 1.82
CA VAL A 263 -24.45 6.35 3.13
C VAL A 263 -25.55 6.31 4.18
N GLU A 264 -25.58 5.26 5.00
CA GLU A 264 -26.54 5.11 6.10
C GLU A 264 -25.81 4.88 7.43
N ASN A 265 -26.32 5.49 8.51
CA ASN A 265 -25.75 5.29 9.83
C ASN A 265 -26.88 5.01 10.83
N PHE A 266 -26.58 4.16 11.81
CA PHE A 266 -27.57 3.73 12.80
C PHE A 266 -26.91 3.78 14.18
N LEU A 267 -27.33 4.73 15.01
CA LEU A 267 -26.78 4.91 16.35
C LEU A 267 -27.87 4.64 17.38
N THR A 268 -27.51 3.98 18.48
CA THR A 268 -28.44 3.71 19.57
C THR A 268 -28.05 4.54 20.80
N GLU A 269 -28.98 4.58 21.76
CA GLU A 269 -28.83 5.49 22.89
C GLU A 269 -27.72 5.00 23.84
N GLU A 270 -27.12 5.96 24.54
CA GLU A 270 -26.13 5.65 25.58
C GLU A 270 -26.76 5.92 26.95
N SER B 8 3.25 -28.22 -10.03
CA SER B 8 4.19 -27.27 -10.64
C SER B 8 4.61 -27.69 -12.07
N GLU B 9 3.63 -28.08 -12.89
CA GLU B 9 3.89 -28.37 -14.30
C GLU B 9 4.77 -27.33 -14.98
N PRO B 10 4.53 -26.02 -14.86
CA PRO B 10 5.45 -25.05 -15.49
C PRO B 10 6.66 -24.80 -14.61
N PRO B 11 7.77 -24.32 -15.18
CA PRO B 11 8.96 -24.07 -14.35
C PRO B 11 8.66 -23.06 -13.24
N THR B 12 9.08 -23.40 -12.03
CA THR B 12 8.64 -22.64 -10.87
C THR B 12 9.86 -22.22 -10.07
N LEU B 13 9.90 -20.96 -9.66
CA LEU B 13 10.96 -20.44 -8.82
C LEU B 13 10.34 -20.03 -7.50
N ALA B 14 10.61 -20.81 -6.45
CA ALA B 14 10.00 -20.60 -5.14
C ALA B 14 10.98 -19.90 -4.23
N LEU B 15 10.45 -19.10 -3.31
CA LEU B 15 11.28 -18.50 -2.27
C LEU B 15 11.20 -19.32 -1.00
N ARG B 16 12.34 -19.48 -0.32
CA ARG B 16 12.40 -20.12 0.99
C ARG B 16 12.13 -19.03 2.01
N LEU B 17 10.99 -19.15 2.71
CA LEU B 17 10.51 -17.99 3.44
C LEU B 17 11.28 -17.70 4.71
N LYS B 18 11.79 -18.72 5.42
CA LYS B 18 12.56 -18.39 6.62
C LYS B 18 13.76 -17.51 6.28
N PRO B 19 14.64 -17.87 5.32
CA PRO B 19 15.76 -16.97 5.03
C PRO B 19 15.31 -15.70 4.31
N TYR B 20 14.32 -15.82 3.41
CA TYR B 20 13.90 -14.64 2.66
C TYR B 20 13.26 -13.61 3.57
N LYS B 21 12.41 -14.07 4.50
CA LYS B 21 11.73 -13.12 5.38
C LYS B 21 12.73 -12.43 6.30
N THR B 22 13.81 -13.09 6.65
CA THR B 22 14.80 -12.38 7.46
C THR B 22 15.64 -11.43 6.60
N ALA B 23 15.81 -11.73 5.32
CA ALA B 23 16.60 -10.86 4.45
C ALA B 23 15.87 -9.54 4.16
N ILE B 24 14.58 -9.61 3.85
CA ILE B 24 13.85 -8.37 3.55
C ILE B 24 13.65 -7.58 4.84
N GLN B 25 13.64 -8.25 5.99
CA GLN B 25 13.57 -7.46 7.20
C GLN B 25 14.86 -6.68 7.42
N GLN B 26 16.04 -7.28 7.17
CA GLN B 26 17.25 -6.45 7.23
C GLN B 26 17.22 -5.34 6.20
N LEU B 27 16.54 -5.56 5.08
CA LEU B 27 16.48 -4.62 3.99
C LEU B 27 15.26 -3.68 4.05
N ARG B 28 14.58 -3.52 5.19
CA ARG B 28 13.33 -2.74 5.18
C ARG B 28 13.61 -1.28 4.78
N SER B 29 14.74 -0.69 5.19
CA SER B 29 15.04 0.68 4.79
C SER B 29 15.18 0.78 3.27
N VAL B 30 15.80 -0.22 2.64
CA VAL B 30 15.98 -0.15 1.19
C VAL B 30 14.65 -0.44 0.48
N ILE B 31 13.89 -1.44 0.97
CA ILE B 31 12.67 -1.86 0.28
C ILE B 31 11.67 -0.72 0.18
N ARG B 32 11.62 0.16 1.18
CA ARG B 32 10.63 1.22 1.19
C ARG B 32 11.06 2.46 0.41
N ALA B 33 12.35 2.63 0.16
CA ALA B 33 12.81 3.80 -0.56
C ALA B 33 13.14 3.52 -2.03
N LEU B 34 12.78 2.35 -2.56
CA LEU B 34 12.93 2.08 -3.99
C LEU B 34 12.08 3.06 -4.79
N LYS B 35 12.54 3.44 -6.01
CA LYS B 35 11.55 4.23 -6.76
C LYS B 35 11.09 3.53 -8.03
N GLU B 36 10.46 4.27 -8.94
CA GLU B 36 9.75 3.61 -10.02
C GLU B 36 10.67 3.22 -11.11
N ASN B 37 11.96 3.28 -10.83
CA ASN B 37 12.98 2.93 -11.79
C ASN B 37 13.57 1.59 -11.43
N THR B 38 12.88 0.84 -10.58
CA THR B 38 13.48 -0.28 -9.88
C THR B 38 12.89 -1.55 -10.48
N THR B 39 13.79 -2.44 -10.85
CA THR B 39 13.52 -3.66 -11.58
C THR B 39 13.65 -4.83 -10.63
N VAL B 40 12.86 -5.87 -10.87
CA VAL B 40 12.97 -7.12 -10.12
C VAL B 40 13.20 -8.22 -11.15
N THR B 41 14.32 -8.93 -11.00
CA THR B 41 14.74 -9.98 -11.94
C THR B 41 14.76 -11.32 -11.23
N PHE B 42 14.14 -12.32 -11.85
CA PHE B 42 14.12 -13.71 -11.39
C PHE B 42 14.94 -14.54 -12.38
N LEU B 43 15.97 -15.23 -11.87
CA LEU B 43 16.81 -16.12 -12.69
C LEU B 43 16.73 -17.57 -12.24
N PRO B 44 17.08 -18.53 -13.13
CA PRO B 44 17.00 -19.96 -12.73
C PRO B 44 18.27 -20.45 -12.06
N THR B 45 19.07 -19.53 -11.56
CA THR B 45 20.36 -19.83 -10.98
C THR B 45 20.29 -20.74 -9.76
N PRO B 46 19.38 -20.49 -8.81
CA PRO B 46 18.29 -19.51 -8.67
C PRO B 46 18.82 -18.19 -8.13
N SER B 47 18.22 -17.08 -8.55
CA SER B 47 18.60 -15.76 -8.05
C SER B 47 17.41 -14.80 -8.14
N LEU B 48 17.37 -13.84 -7.20
CA LEU B 48 16.44 -12.71 -7.27
C LEU B 48 17.22 -11.40 -7.12
N ILE B 49 17.05 -10.48 -8.08
CA ILE B 49 17.88 -9.28 -8.18
C ILE B 49 17.02 -8.02 -8.21
N LEU B 50 17.30 -7.07 -7.33
CA LEU B 50 16.73 -5.73 -7.41
C LEU B 50 17.76 -4.78 -7.99
N GLN B 51 17.44 -4.13 -9.11
CA GLN B 51 18.35 -3.18 -9.74
C GLN B 51 17.66 -1.82 -9.87
N THR B 52 18.38 -0.76 -9.51
CA THR B 52 17.89 0.60 -9.64
C THR B 52 18.91 1.39 -10.44
N VAL B 53 18.54 1.84 -11.63
CA VAL B 53 19.49 2.58 -12.44
C VAL B 53 19.19 4.07 -12.28
N ARG B 54 20.25 4.86 -12.17
CA ARG B 54 20.03 6.28 -12.10
C ARG B 54 21.06 6.96 -12.97
N SER B 55 21.41 8.20 -12.64
CA SER B 55 22.16 9.03 -13.55
C SER B 55 23.51 8.38 -13.85
N HIS B 56 24.41 8.47 -12.89
CA HIS B 56 25.71 7.82 -12.98
C HIS B 56 25.92 6.81 -11.85
N CYS B 57 24.83 6.36 -11.20
CA CYS B 57 24.88 5.35 -10.16
C CYS B 57 23.94 4.20 -10.51
N VAL B 58 24.36 2.97 -10.19
CA VAL B 58 23.53 1.79 -10.36
C VAL B 58 23.67 0.97 -9.09
N SER B 59 22.57 0.75 -8.36
CA SER B 59 22.58 -0.09 -7.19
C SER B 59 21.85 -1.40 -7.47
N LYS B 60 22.36 -2.49 -6.91
CA LYS B 60 21.82 -3.80 -7.19
C LYS B 60 21.82 -4.59 -5.88
N ILE B 61 20.67 -5.17 -5.54
CA ILE B 61 20.57 -6.09 -4.40
C ILE B 61 20.29 -7.48 -4.93
N THR B 62 21.16 -8.42 -4.59
CA THR B 62 21.04 -9.78 -5.06
C THR B 62 20.80 -10.66 -3.86
N PHE B 63 19.67 -11.34 -3.86
CA PHE B 63 19.40 -12.28 -2.80
C PHE B 63 20.23 -13.53 -3.00
N ASN B 64 20.85 -14.00 -1.92
CA ASN B 64 21.58 -15.27 -1.91
C ASN B 64 20.74 -16.40 -2.49
N SER B 65 21.42 -17.28 -3.22
CA SER B 65 20.76 -18.51 -3.65
C SER B 65 20.18 -19.28 -2.46
N SER B 66 20.81 -19.15 -1.30
CA SER B 66 20.27 -19.68 -0.06
C SER B 66 18.80 -19.31 0.19
N CYS B 67 18.30 -18.21 -0.41
CA CYS B 67 16.92 -17.79 -0.21
C CYS B 67 15.94 -18.41 -1.19
N LEU B 68 16.42 -19.07 -2.22
CA LEU B 68 15.60 -19.52 -3.33
C LEU B 68 15.66 -21.04 -3.46
N TYR B 69 14.62 -21.58 -4.09
CA TYR B 69 14.52 -22.98 -4.42
C TYR B 69 14.01 -23.04 -5.86
N ILE B 70 14.69 -23.75 -6.76
CA ILE B 70 14.16 -23.80 -8.11
C ILE B 70 13.86 -25.22 -8.55
N THR B 71 12.67 -25.32 -9.14
CA THR B 71 12.07 -26.54 -9.68
C THR B 71 12.89 -27.07 -10.85
N ASP B 72 12.98 -26.25 -11.90
CA ASP B 72 13.27 -26.66 -13.26
C ASP B 72 14.04 -25.52 -13.90
N LYS B 73 15.28 -25.80 -14.31
CA LYS B 73 16.17 -24.75 -14.78
C LYS B 73 15.81 -24.24 -16.18
N SER B 74 14.75 -24.72 -16.80
CA SER B 74 14.29 -24.13 -18.06
C SER B 74 13.41 -22.91 -17.83
N PHE B 75 13.26 -22.50 -16.57
CA PHE B 75 12.68 -21.22 -16.20
C PHE B 75 13.42 -20.11 -16.93
N GLN B 76 12.69 -19.36 -17.76
CA GLN B 76 13.42 -18.33 -18.50
C GLN B 76 13.58 -17.10 -17.60
N PRO B 77 14.69 -16.38 -17.76
CA PRO B 77 14.92 -15.21 -16.92
C PRO B 77 13.81 -14.20 -17.13
N LYS B 78 13.21 -13.73 -16.03
CA LYS B 78 12.10 -12.79 -16.04
C LYS B 78 12.52 -11.50 -15.34
N THR B 79 12.25 -10.34 -15.97
CA THR B 79 12.48 -9.05 -15.31
C THR B 79 11.22 -8.20 -15.39
N ILE B 80 10.69 -7.79 -14.24
CA ILE B 80 9.49 -6.96 -14.18
C ILE B 80 9.82 -5.65 -13.47
N ASN B 81 8.88 -4.71 -13.54
CA ASN B 81 8.98 -3.50 -12.72
C ASN B 81 8.59 -3.76 -11.28
N ASN B 82 9.30 -3.11 -10.35
CA ASN B 82 8.88 -3.18 -8.95
C ASN B 82 7.64 -2.33 -8.71
N SER B 83 7.47 -1.26 -9.47
CA SER B 83 6.28 -0.41 -9.36
C SER B 83 5.18 -1.06 -10.19
N THR B 84 4.24 -1.73 -9.49
CA THR B 84 3.17 -2.57 -10.03
C THR B 84 1.85 -1.80 -10.11
N PRO B 85 1.15 -1.99 -11.22
CA PRO B 85 0.01 -1.13 -11.54
C PRO B 85 -1.10 -1.04 -10.49
N LEU B 86 -1.31 -2.03 -9.63
CA LEU B 86 -2.31 -1.75 -8.58
C LEU B 86 -1.77 -1.98 -7.19
N LEU B 87 -0.80 -2.86 -7.04
CA LEU B 87 -0.28 -3.17 -5.72
C LEU B 87 0.78 -2.19 -5.29
N GLY B 88 1.34 -1.40 -6.20
CA GLY B 88 2.40 -0.49 -5.84
C GLY B 88 3.76 -1.16 -5.71
N ASN B 89 4.39 -1.02 -4.56
CA ASN B 89 5.75 -1.50 -4.30
C ASN B 89 5.74 -3.03 -4.12
N PHE B 90 6.18 -3.75 -5.15
CA PHE B 90 6.15 -5.21 -5.13
C PHE B 90 6.95 -5.80 -3.98
N MET B 91 8.22 -5.41 -3.85
CA MET B 91 9.07 -5.95 -2.77
C MET B 91 8.51 -5.63 -1.39
N TYR B 92 8.00 -4.41 -1.20
CA TYR B 92 7.38 -4.07 0.08
C TYR B 92 6.20 -4.99 0.40
N LEU B 93 5.46 -5.40 -0.63
CA LEU B 93 4.34 -6.29 -0.37
C LEU B 93 4.80 -7.73 -0.11
N THR B 94 6.02 -8.10 -0.49
CA THR B 94 6.54 -9.39 -0.07
C THR B 94 7.05 -9.34 1.36
N SER B 95 7.14 -8.15 1.97
CA SER B 95 7.64 -8.00 3.32
C SER B 95 6.55 -8.18 4.36
N SER B 96 5.32 -8.41 3.92
CA SER B 96 4.26 -8.77 4.83
C SER B 96 4.66 -9.95 5.70
N LYS B 97 4.42 -9.83 6.99
CA LYS B 97 4.76 -10.93 7.86
C LYS B 97 3.65 -11.97 7.90
N ASP B 98 2.55 -11.69 7.18
CA ASP B 98 1.48 -12.66 6.93
C ASP B 98 1.83 -13.64 5.83
N LEU B 99 2.93 -13.42 5.10
CA LEU B 99 3.25 -14.19 3.90
C LEU B 99 3.58 -15.64 4.25
N THR B 100 2.94 -16.59 3.55
CA THR B 100 3.14 -18.00 3.82
C THR B 100 3.63 -18.80 2.61
N LYS B 101 3.58 -18.25 1.41
CA LYS B 101 3.97 -18.99 0.22
C LYS B 101 4.23 -17.95 -0.89
N PHE B 102 5.37 -18.06 -1.56
CA PHE B 102 5.75 -17.06 -2.56
C PHE B 102 6.59 -17.73 -3.64
N TYR B 103 6.04 -17.83 -4.85
CA TYR B 103 6.75 -18.46 -5.94
C TYR B 103 6.39 -17.77 -7.25
N VAL B 104 7.28 -17.87 -8.23
CA VAL B 104 7.07 -17.28 -9.55
C VAL B 104 7.11 -18.40 -10.57
N GLN B 105 6.17 -18.39 -11.52
CA GLN B 105 6.12 -19.38 -12.59
C GLN B 105 6.29 -18.75 -13.96
N ASP B 106 6.84 -19.55 -14.87
CA ASP B 106 7.12 -19.15 -16.24
C ASP B 106 6.11 -19.80 -17.18
N ILE B 107 4.97 -19.15 -17.39
CA ILE B 107 3.89 -19.63 -18.27
C ILE B 107 3.95 -18.99 -19.66
N SER B 108 4.05 -17.66 -19.70
CA SER B 108 4.15 -16.92 -20.95
C SER B 108 5.60 -16.42 -21.16
N ASP B 109 5.98 -16.20 -22.43
CA ASP B 109 7.20 -15.41 -22.65
C ASP B 109 6.97 -13.92 -22.38
N LEU B 110 5.74 -13.50 -22.22
CA LEU B 110 5.40 -12.09 -22.16
C LEU B 110 5.27 -11.57 -20.74
N SER B 111 5.27 -12.43 -19.72
CA SER B 111 4.91 -12.02 -18.38
C SER B 111 5.46 -13.01 -17.37
N ALA B 112 5.60 -12.56 -16.13
CA ALA B 112 5.88 -13.43 -14.98
C ALA B 112 4.63 -13.60 -14.16
N LYS B 113 4.35 -14.85 -13.73
CA LYS B 113 3.20 -15.12 -12.88
C LYS B 113 3.67 -15.33 -11.44
N ILE B 114 3.27 -14.42 -10.54
CA ILE B 114 3.65 -14.45 -9.13
C ILE B 114 2.45 -14.92 -8.31
N SER B 115 2.69 -15.87 -7.40
CA SER B 115 1.67 -16.35 -6.48
C SER B 115 2.14 -16.03 -5.07
N MET B 116 1.22 -15.53 -4.24
CA MET B 116 1.47 -15.25 -2.83
C MET B 116 0.32 -15.83 -2.01
N CYS B 117 0.64 -16.45 -0.87
CA CYS B 117 -0.35 -16.93 0.10
C CYS B 117 -0.13 -16.29 1.46
N ALA B 118 -1.22 -16.21 2.24
CA ALA B 118 -1.29 -15.79 3.64
C ALA B 118 -2.31 -16.73 4.27
N PRO B 119 -2.54 -16.69 5.60
CA PRO B 119 -3.40 -17.71 6.22
C PRO B 119 -4.73 -18.04 5.53
N ASP B 120 -5.71 -17.13 5.39
CA ASP B 120 -6.90 -17.53 4.64
C ASP B 120 -7.02 -16.81 3.31
N PHE B 121 -5.88 -16.67 2.64
CA PHE B 121 -5.76 -15.83 1.45
C PHE B 121 -4.77 -16.46 0.50
N ASN B 122 -5.06 -16.36 -0.79
CA ASN B 122 -4.10 -16.75 -1.82
C ASN B 122 -4.38 -15.94 -3.07
N MET B 123 -3.38 -15.21 -3.55
CA MET B 123 -3.48 -14.46 -4.80
C MET B 123 -2.41 -14.86 -5.82
N GLU B 124 -2.68 -14.55 -7.07
CA GLU B 124 -1.69 -14.62 -8.14
C GLU B 124 -1.88 -13.45 -9.08
N PHE B 125 -0.77 -12.87 -9.52
CA PHE B 125 -0.85 -11.83 -10.52
C PHE B 125 0.19 -12.05 -11.61
N SER B 126 0.06 -11.30 -12.70
CA SER B 126 0.95 -11.43 -13.84
C SER B 126 1.30 -10.03 -14.29
N SER B 127 2.58 -9.68 -14.21
CA SER B 127 3.00 -8.39 -14.73
C SER B 127 3.88 -8.61 -15.94
N ALA B 128 3.81 -7.66 -16.86
CA ALA B 128 4.59 -7.74 -18.07
C ALA B 128 6.07 -7.70 -17.75
N CYS B 129 6.84 -8.53 -18.44
CA CYS B 129 8.28 -8.42 -18.29
C CYS B 129 8.89 -7.43 -19.27
N VAL B 130 9.77 -6.59 -18.73
CA VAL B 130 10.58 -5.62 -19.48
C VAL B 130 11.82 -6.33 -19.99
N HIS B 131 12.15 -6.07 -21.26
CA HIS B 131 13.27 -6.70 -21.93
C HIS B 131 14.41 -5.77 -22.30
N GLY B 132 14.22 -4.45 -22.26
CA GLY B 132 15.30 -3.52 -22.56
C GLY B 132 16.25 -3.17 -21.42
N GLN B 133 16.52 -4.10 -20.51
CA GLN B 133 17.42 -3.81 -19.40
C GLN B 133 18.35 -4.98 -19.15
N ASP B 134 19.60 -4.69 -18.78
CA ASP B 134 20.57 -5.70 -18.40
C ASP B 134 20.93 -5.55 -16.93
N ILE B 135 21.60 -6.56 -16.43
CA ILE B 135 22.03 -6.55 -15.05
C ILE B 135 23.51 -6.20 -15.07
N VAL B 136 23.86 -5.12 -14.37
CA VAL B 136 25.26 -4.70 -14.27
C VAL B 136 26.05 -5.76 -13.53
N ARG B 137 27.21 -6.12 -14.06
CA ARG B 137 28.04 -7.13 -13.44
C ARG B 137 29.33 -6.55 -12.90
N GLU B 138 29.83 -7.20 -11.85
CA GLU B 138 31.16 -6.93 -11.32
C GLU B 138 32.16 -7.38 -12.38
N SER B 139 32.85 -6.43 -13.01
CA SER B 139 34.05 -6.79 -13.74
C SER B 139 35.05 -7.25 -12.70
N GLU B 140 35.63 -8.43 -12.91
CA GLU B 140 36.50 -8.96 -11.88
C GLU B 140 37.92 -8.39 -11.99
N ASN B 141 38.29 -7.89 -13.18
CA ASN B 141 39.30 -6.82 -13.27
C ASN B 141 39.01 -5.72 -12.25
N SER B 142 40.02 -5.34 -11.48
CA SER B 142 39.96 -4.05 -10.80
C SER B 142 41.38 -3.51 -10.67
N ALA B 143 41.56 -2.23 -11.01
CA ALA B 143 42.86 -1.60 -10.82
C ALA B 143 43.18 -1.45 -9.34
N VAL B 144 42.21 -0.96 -8.56
CA VAL B 144 42.32 -0.75 -7.12
C VAL B 144 41.30 -1.67 -6.45
N HIS B 145 41.75 -2.49 -5.49
CA HIS B 145 40.84 -3.32 -4.70
C HIS B 145 41.20 -3.18 -3.22
N VAL B 146 40.27 -2.60 -2.45
CA VAL B 146 40.49 -2.15 -1.08
C VAL B 146 39.28 -2.58 -0.26
N ASP B 147 39.48 -3.45 0.73
CA ASP B 147 38.40 -3.82 1.65
C ASP B 147 38.42 -2.91 2.88
N LEU B 148 37.23 -2.50 3.33
CA LEU B 148 37.08 -1.55 4.43
C LEU B 148 36.27 -2.20 5.54
N ASP B 149 36.82 -2.21 6.74
CA ASP B 149 36.11 -2.75 7.89
C ASP B 149 34.85 -1.91 8.11
N PHE B 150 33.79 -2.56 8.62
CA PHE B 150 32.54 -1.82 8.85
C PHE B 150 32.73 -0.64 9.78
N GLY B 151 33.67 -0.72 10.72
CA GLY B 151 34.01 0.46 11.50
C GLY B 151 34.45 1.62 10.63
N VAL B 152 35.30 1.36 9.64
CA VAL B 152 35.76 2.43 8.75
C VAL B 152 34.57 3.02 7.99
N VAL B 153 33.64 2.16 7.56
CA VAL B 153 32.48 2.61 6.80
C VAL B 153 31.54 3.42 7.69
N ALA B 154 31.40 2.99 8.95
CA ALA B 154 30.59 3.76 9.88
C ALA B 154 31.24 5.11 10.13
N ASP B 155 32.58 5.13 10.17
CA ASP B 155 33.29 6.41 10.29
C ASP B 155 33.08 7.28 9.07
N LEU B 156 33.10 6.72 7.86
CA LEU B 156 32.90 7.56 6.68
C LEU B 156 31.49 8.12 6.67
N LEU B 157 30.50 7.28 6.97
CA LEU B 157 29.13 7.76 7.11
C LEU B 157 29.02 8.91 8.09
N LYS B 158 29.51 8.73 9.32
CA LYS B 158 29.34 9.76 10.34
C LYS B 158 30.25 10.95 10.07
N TRP B 159 30.47 11.26 8.80
CA TRP B 159 31.32 12.34 8.33
C TRP B 159 30.81 12.97 7.04
N ILE B 160 29.88 12.32 6.33
CA ILE B 160 29.33 12.84 5.08
C ILE B 160 27.87 13.22 5.21
N GLY B 161 27.28 13.00 6.39
CA GLY B 161 25.88 13.31 6.61
C GLY B 161 25.56 14.78 6.41
N PRO B 162 26.46 15.69 6.83
CA PRO B 162 26.29 17.09 6.42
C PRO B 162 27.04 17.47 5.14
N THR B 177 25.11 19.63 -2.38
CA THR B 177 25.67 18.90 -3.51
C THR B 177 27.10 18.55 -3.03
N GLY B 178 28.07 18.42 -3.92
CA GLY B 178 29.43 18.06 -3.55
C GLY B 178 29.89 16.92 -4.44
N THR B 179 31.21 16.84 -4.58
CA THR B 179 31.89 15.85 -5.40
C THR B 179 33.00 15.29 -4.53
N VAL B 180 32.73 14.15 -3.89
CA VAL B 180 33.79 13.48 -3.15
C VAL B 180 34.80 12.93 -4.14
N GLN B 181 36.07 13.09 -3.85
CA GLN B 181 37.08 12.47 -4.69
C GLN B 181 37.81 11.40 -3.91
N ILE B 182 37.99 10.25 -4.54
CA ILE B 182 38.62 9.09 -3.93
C ILE B 182 39.97 8.96 -4.60
N LEU B 183 41.03 9.28 -3.85
CA LEU B 183 42.40 9.13 -4.33
C LEU B 183 43.04 7.97 -3.60
N VAL B 184 43.83 7.18 -4.32
CA VAL B 184 44.48 6.01 -3.75
C VAL B 184 45.96 6.04 -4.12
N HIS B 185 46.81 5.75 -3.14
CA HIS B 185 48.25 5.74 -3.34
C HIS B 185 48.76 4.31 -3.38
N ALA B 186 49.87 4.12 -4.11
CA ALA B 186 50.45 2.80 -4.32
C ALA B 186 51.48 2.42 -3.27
N GLY B 187 52.60 3.14 -3.19
CA GLY B 187 53.67 2.73 -2.27
C GLY B 187 54.12 3.72 -1.21
N PRO B 188 53.73 3.49 0.03
CA PRO B 188 52.85 2.38 0.43
C PRO B 188 51.35 2.71 0.16
N PRO B 189 50.50 1.68 0.33
CA PRO B 189 49.04 1.86 0.15
C PRO B 189 48.44 2.94 1.03
N ALA B 190 47.59 3.78 0.43
CA ALA B 190 46.67 4.62 1.19
C ALA B 190 45.47 4.93 0.32
N ILE B 191 44.31 5.08 0.94
CA ILE B 191 43.09 5.55 0.27
C ILE B 191 42.66 6.84 0.96
N LYS B 192 42.34 7.86 0.15
CA LYS B 192 41.93 9.15 0.69
C LYS B 192 40.60 9.60 0.11
N PHE B 193 39.84 10.35 0.91
CA PHE B 193 38.49 10.80 0.57
C PHE B 193 38.46 12.31 0.79
N ILE B 194 38.57 13.08 -0.29
CA ILE B 194 38.58 14.54 -0.24
C ILE B 194 37.21 15.07 -0.66
N LEU B 195 36.76 16.13 0.01
CA LEU B 195 35.48 16.78 -0.28
C LEU B 195 35.75 18.13 -0.92
N THR B 196 34.72 18.73 -1.54
CA THR B 196 34.92 20.05 -2.13
C THR B 196 35.21 21.11 -1.06
N ASN B 197 34.83 20.87 0.20
CA ASN B 197 35.20 21.83 1.23
C ASN B 197 36.69 21.74 1.54
N GLY B 198 37.21 20.52 1.69
CA GLY B 198 38.61 20.40 2.05
C GLY B 198 38.90 19.21 2.94
N SER B 199 38.00 18.95 3.88
CA SER B 199 38.20 17.87 4.85
C SER B 199 38.61 16.58 4.13
N GLU B 200 39.51 15.85 4.77
CA GLU B 200 40.09 14.61 4.26
C GLU B 200 40.02 13.54 5.34
N LEU B 201 39.59 12.35 4.97
CA LEU B 201 39.65 11.20 5.86
C LEU B 201 40.48 10.15 5.10
N GLU B 202 41.73 9.92 5.51
CA GLU B 202 42.59 8.97 4.82
C GLU B 202 43.07 7.89 5.77
N PHE B 203 43.31 6.67 5.24
CA PHE B 203 43.71 5.51 6.02
C PHE B 203 44.87 4.77 5.39
N THR B 204 45.80 4.33 6.24
CA THR B 204 46.97 3.55 5.84
C THR B 204 46.72 2.09 6.14
N SER B 205 47.50 1.24 5.45
CA SER B 205 47.45 -0.20 5.64
C SER B 205 47.66 -0.56 7.09
N ASN B 206 46.56 -0.89 7.76
CA ASN B 206 46.56 -1.33 9.16
C ASN B 206 45.71 -2.59 9.28
N ASN B 207 44.83 -2.64 10.28
CA ASN B 207 44.00 -3.81 10.52
C ASN B 207 42.57 -3.62 10.01
N ARG B 208 42.13 -2.36 9.90
CA ARG B 208 40.76 -2.09 9.47
C ARG B 208 40.66 -1.65 8.03
N VAL B 209 41.75 -1.67 7.28
CA VAL B 209 41.71 -1.45 5.84
C VAL B 209 42.69 -2.44 5.22
N SER B 210 42.19 -3.25 4.30
CA SER B 210 43.01 -4.22 3.59
C SER B 210 43.34 -3.71 2.20
N PHE B 211 44.56 -3.96 1.77
CA PHE B 211 45.06 -3.48 0.49
C PHE B 211 45.60 -4.66 -0.29
N HIS B 212 44.87 -5.05 -1.33
CA HIS B 212 45.35 -6.09 -2.26
C HIS B 212 46.02 -5.46 -3.47
N GLY B 213 45.25 -4.82 -4.33
CA GLY B 213 45.77 -4.22 -5.52
C GLY B 213 45.59 -2.72 -5.49
N VAL B 214 46.65 -1.93 -5.67
CA VAL B 214 46.55 -0.48 -5.66
C VAL B 214 47.28 0.10 -6.87
N LYS B 215 47.08 1.41 -7.07
CA LYS B 215 47.57 2.13 -8.25
C LYS B 215 47.38 3.61 -7.98
N ASN B 216 48.21 4.47 -8.57
CA ASN B 216 48.07 5.90 -8.29
C ASN B 216 46.90 6.39 -9.13
N MET B 217 45.75 6.56 -8.48
CA MET B 217 44.50 6.85 -9.16
C MET B 217 43.67 7.90 -8.44
N ARG B 218 42.74 8.48 -9.20
CA ARG B 218 41.86 9.53 -8.74
C ARG B 218 40.50 9.23 -9.37
N ILE B 219 39.43 9.34 -8.58
CA ILE B 219 38.09 9.35 -9.15
C ILE B 219 37.25 10.39 -8.43
N ASN B 220 36.30 10.97 -9.17
CA ASN B 220 35.36 11.97 -8.67
C ASN B 220 33.95 11.43 -8.87
N VAL B 221 33.19 11.35 -7.78
CA VAL B 221 31.81 10.91 -7.87
C VAL B 221 30.93 11.85 -7.07
N GLN B 222 29.70 12.01 -7.55
CA GLN B 222 28.69 12.73 -6.80
C GLN B 222 28.64 12.27 -5.35
N LEU B 223 28.67 13.24 -4.43
CA LEU B 223 28.67 12.92 -3.01
C LEU B 223 27.34 12.32 -2.58
N LYS B 224 26.24 12.72 -3.23
CA LYS B 224 24.93 12.24 -2.82
C LYS B 224 24.75 10.76 -3.19
N ASN B 225 25.27 10.36 -4.36
CA ASN B 225 25.24 8.95 -4.71
C ASN B 225 26.24 8.14 -3.89
N PHE B 226 27.36 8.76 -3.49
CA PHE B 226 28.33 8.05 -2.67
C PHE B 226 27.81 7.81 -1.25
N TYR B 227 27.21 8.83 -0.64
CA TYR B 227 26.68 8.66 0.71
C TYR B 227 25.61 7.57 0.76
N GLN B 228 24.73 7.55 -0.25
CA GLN B 228 23.68 6.56 -0.29
C GLN B 228 24.25 5.18 -0.57
N THR B 229 25.32 5.10 -1.37
CA THR B 229 25.98 3.84 -1.59
C THR B 229 26.46 3.24 -0.26
N LEU B 230 26.99 4.08 0.63
CA LEU B 230 27.46 3.60 1.92
C LEU B 230 26.30 3.23 2.83
N LEU B 231 25.19 3.95 2.71
CA LEU B 231 24.03 3.60 3.51
C LEU B 231 23.47 2.24 3.12
N ASN B 232 23.55 1.88 1.83
CA ASN B 232 23.05 0.58 1.40
C ASN B 232 23.96 -0.54 1.90
N CYS B 233 25.28 -0.38 1.77
CA CYS B 233 26.19 -1.44 2.22
C CYS B 233 26.20 -1.57 3.73
N ALA B 234 25.94 -0.45 4.43
CA ALA B 234 25.98 -0.45 5.88
C ALA B 234 24.93 -1.37 6.47
N VAL B 235 23.93 -1.73 5.67
CA VAL B 235 22.85 -2.55 6.17
C VAL B 235 23.34 -3.95 6.54
N THR B 236 24.51 -4.36 6.05
CA THR B 236 25.00 -5.69 6.42
C THR B 236 25.85 -5.67 7.69
N LYS B 237 26.34 -4.49 8.11
CA LYS B 237 27.25 -4.36 9.27
C LYS B 237 28.46 -5.31 9.18
N LEU B 238 28.95 -5.55 7.97
CA LEU B 238 30.14 -6.33 7.71
C LEU B 238 31.12 -5.49 6.90
N PRO B 239 32.33 -5.98 6.64
CA PRO B 239 33.23 -5.32 5.68
C PRO B 239 32.57 -4.96 4.36
N CYS B 240 33.06 -3.87 3.75
CA CYS B 240 32.71 -3.44 2.40
C CYS B 240 33.92 -3.53 1.48
N THR B 241 33.69 -3.82 0.21
CA THR B 241 34.73 -3.91 -0.81
C THR B 241 34.61 -2.73 -1.75
N LEU B 242 35.59 -1.84 -1.70
CA LEU B 242 35.68 -0.72 -2.63
C LEU B 242 36.64 -1.08 -3.77
N ARG B 243 36.28 -0.70 -4.99
CA ARG B 243 37.18 -0.94 -6.11
C ARG B 243 37.02 0.18 -7.12
N ILE B 244 37.97 0.21 -8.05
CA ILE B 244 38.01 1.17 -9.13
C ILE B 244 38.44 0.38 -10.35
N VAL B 245 37.55 0.25 -11.32
CA VAL B 245 37.80 -0.49 -12.54
C VAL B 245 38.14 0.51 -13.62
N THR B 246 39.18 0.22 -14.40
CA THR B 246 39.67 1.09 -15.45
C THR B 246 39.64 0.39 -16.80
N GLU B 247 38.63 -0.43 -17.03
CA GLU B 247 38.57 -1.23 -18.25
C GLU B 247 37.96 -0.46 -19.43
N HIS B 248 36.76 0.10 -19.22
CA HIS B 248 36.08 0.88 -20.25
C HIS B 248 36.06 2.38 -19.96
N ASP B 249 36.10 2.73 -18.68
CA ASP B 249 35.63 4.01 -18.20
C ASP B 249 35.83 3.92 -16.70
N THR B 250 36.23 5.00 -16.02
CA THR B 250 36.68 4.84 -14.64
C THR B 250 35.45 4.71 -13.75
N LEU B 251 35.23 3.50 -13.22
CA LEU B 251 34.07 3.14 -12.42
C LEU B 251 34.44 2.91 -10.95
N LEU B 252 33.65 3.46 -10.04
CA LEU B 252 33.75 3.13 -8.63
C LEU B 252 32.73 2.05 -8.25
N TYR B 253 33.21 0.95 -7.67
CA TYR B 253 32.39 -0.17 -7.22
C TYR B 253 32.46 -0.29 -5.69
N VAL B 254 31.30 -0.34 -5.05
CA VAL B 254 31.19 -0.43 -3.58
C VAL B 254 30.17 -1.49 -3.21
N ALA B 255 30.61 -2.51 -2.49
CA ALA B 255 29.81 -3.70 -2.28
C ALA B 255 29.99 -4.21 -0.86
N SER B 256 28.91 -4.78 -0.33
CA SER B 256 28.94 -5.49 0.95
C SER B 256 27.96 -6.66 0.87
N ARG B 257 28.43 -7.87 1.16
CA ARG B 257 27.55 -9.02 1.12
C ARG B 257 27.39 -9.58 2.53
N ASN B 258 26.40 -10.45 2.69
CA ASN B 258 26.27 -11.23 3.92
C ASN B 258 25.78 -12.61 3.49
N GLY B 259 25.26 -13.40 4.44
CA GLY B 259 24.89 -14.72 3.96
C GLY B 259 23.55 -14.81 3.28
N LEU B 260 22.86 -13.70 3.11
CA LEU B 260 21.48 -13.73 2.65
C LEU B 260 21.32 -12.89 1.39
N PHE B 261 22.12 -11.84 1.25
CA PHE B 261 22.07 -10.98 0.07
C PHE B 261 23.42 -10.29 -0.12
N ALA B 262 23.53 -9.54 -1.22
CA ALA B 262 24.71 -8.76 -1.53
C ALA B 262 24.26 -7.42 -2.09
N VAL B 263 24.77 -6.33 -1.51
CA VAL B 263 24.49 -4.98 -1.99
C VAL B 263 25.67 -4.53 -2.84
N GLU B 264 25.41 -4.19 -4.09
CA GLU B 264 26.42 -3.70 -5.02
C GLU B 264 26.04 -2.36 -5.61
N ASN B 265 27.02 -1.46 -5.73
CA ASN B 265 26.78 -0.15 -6.29
C ASN B 265 27.86 0.14 -7.32
N PHE B 266 27.49 0.85 -8.38
CA PHE B 266 28.39 1.15 -9.49
C PHE B 266 28.27 2.63 -9.81
N LEU B 267 29.34 3.40 -9.58
CA LEU B 267 29.35 4.84 -9.83
C LEU B 267 30.36 5.18 -10.91
N THR B 268 29.97 6.09 -11.80
CA THR B 268 30.83 6.63 -12.85
C THR B 268 31.11 8.10 -12.57
N GLU B 269 32.09 8.62 -13.29
CA GLU B 269 32.45 10.03 -13.17
C GLU B 269 31.43 10.90 -13.91
N GLU B 270 31.45 12.23 -13.60
CA GLU B 270 30.45 13.09 -14.23
C GLU B 270 31.02 13.71 -15.50
N PRO B 271 30.24 13.98 -16.55
CA PRO B 271 30.80 14.56 -17.77
C PRO B 271 30.83 16.08 -17.73
N PHE B 272 31.73 16.65 -18.53
CA PHE B 272 31.88 18.10 -18.62
C PHE B 272 30.68 18.82 -19.24
#